data_7DTL
#
_entry.id   7DTL
#
_cell.length_a   42.230
_cell.length_b   42.230
_cell.length_c   70.050
_cell.angle_alpha   90.000
_cell.angle_beta   90.000
_cell.angle_gamma   120.000
#
_symmetry.space_group_name_H-M   'P 31'
#
loop_
_entity.id
_entity.type
_entity.pdbx_description
1 polymer PSK
2 water water
#
_entity_poly.entity_id   1
_entity_poly.type   'polypeptide(L)'
_entity_poly.pdbx_seq_one_letter_code
;MSQLGDLGSGAGKGGGGGGSIREAGGAFGKLEAAREEEYFYRKQKEQLERLKNDQIHQAEFHHQQIKEHEEAIQRHKKFL
ENLTKHHHHHH
;
_entity_poly.pdbx_strand_id   A,B
#
# COMPACT_ATOMS: atom_id res chain seq x y z
N GLY A 25 -6.18 5.04 22.50
CA GLY A 25 -4.86 5.62 22.68
C GLY A 25 -4.81 7.13 22.53
N GLY A 26 -3.88 7.61 21.69
CA GLY A 26 -3.77 9.02 21.40
C GLY A 26 -3.89 9.34 19.92
N ALA A 27 -4.16 10.62 19.61
CA ALA A 27 -4.25 11.06 18.22
C ALA A 27 -2.90 10.89 17.53
N PHE A 28 -2.93 10.35 16.31
CA PHE A 28 -1.74 10.19 15.47
C PHE A 28 -0.69 9.30 16.08
N GLY A 29 -1.07 8.50 17.07
CA GLY A 29 -0.15 7.62 17.75
C GLY A 29 -0.12 6.23 17.16
N LYS A 30 0.56 5.32 17.88
CA LYS A 30 0.88 4.01 17.34
C LYS A 30 -0.37 3.18 17.10
N LEU A 31 -1.35 3.29 17.97
CA LEU A 31 -2.58 2.52 17.78
C LEU A 31 -3.38 3.07 16.59
N GLU A 32 -3.46 4.40 16.48
CA GLU A 32 -4.15 4.98 15.33
C GLU A 32 -3.43 4.61 14.05
N ALA A 33 -2.09 4.67 14.07
CA ALA A 33 -1.33 4.29 12.87
C ALA A 33 -1.64 2.87 12.44
N ALA A 34 -1.60 1.92 13.38
CA ALA A 34 -1.96 0.53 13.09
C ALA A 34 -3.36 0.43 12.47
N ARG A 35 -4.34 1.10 13.08
CA ARG A 35 -5.72 1.10 12.57
C ARG A 35 -5.79 1.61 11.13
N GLU A 36 -5.04 2.67 10.80
CA GLU A 36 -5.06 3.15 9.42
C GLU A 36 -4.46 2.10 8.49
N GLU A 37 -3.37 1.47 8.90
CA GLU A 37 -2.78 0.44 8.02
C GLU A 37 -3.76 -0.71 7.81
N GLU A 38 -4.48 -1.10 8.86
CA GLU A 38 -5.39 -2.21 8.73
C GLU A 38 -6.50 -1.87 7.78
N TYR A 39 -7.02 -0.66 7.90
CA TYR A 39 -8.11 -0.24 6.99
C TYR A 39 -7.63 -0.24 5.54
N PHE A 40 -6.48 0.40 5.30
CA PHE A 40 -5.90 0.43 3.95
C PHE A 40 -5.72 -0.97 3.37
N TYR A 41 -5.10 -1.87 4.14
CA TYR A 41 -4.85 -3.20 3.57
C TYR A 41 -6.15 -3.96 3.35
N ARG A 42 -7.13 -3.79 4.23
CA ARG A 42 -8.41 -4.48 3.99
C ARG A 42 -9.04 -4.00 2.68
N LYS A 43 -9.00 -2.70 2.43
CA LYS A 43 -9.56 -2.17 1.19
C LYS A 43 -8.84 -2.74 -0.04
N GLN A 44 -7.51 -2.77 0.02
CA GLN A 44 -6.74 -3.22 -1.13
C GLN A 44 -6.93 -4.72 -1.37
N LYS A 45 -7.09 -5.48 -0.31
CA LYS A 45 -7.36 -6.90 -0.52
C LYS A 45 -8.72 -7.09 -1.20
N GLU A 46 -9.69 -6.26 -0.85
CA GLU A 46 -11.01 -6.32 -1.51
C GLU A 46 -10.91 -5.97 -2.97
N GLN A 47 -10.05 -5.01 -3.31
CA GLN A 47 -9.88 -4.66 -4.72
C GLN A 47 -9.18 -5.77 -5.48
N LEU A 48 -8.16 -6.37 -4.87
CA LEU A 48 -7.49 -7.52 -5.48
C LEU A 48 -8.47 -8.64 -5.79
N GLU A 49 -9.42 -8.88 -4.88
CA GLU A 49 -10.43 -9.90 -5.16
C GLU A 49 -11.34 -9.49 -6.32
N ARG A 50 -11.67 -8.20 -6.42
CA ARG A 50 -12.48 -7.82 -7.57
C ARG A 50 -11.74 -8.13 -8.84
N LEU A 51 -10.42 -7.95 -8.82
CA LEU A 51 -9.67 -8.23 -10.04
C LEU A 51 -9.65 -9.72 -10.33
N LYS A 52 -9.42 -10.53 -9.30
CA LYS A 52 -9.35 -11.97 -9.47
C LYS A 52 -10.66 -12.56 -9.96
N ASN A 53 -11.77 -11.86 -9.70
CA ASN A 53 -13.07 -12.33 -10.17
C ASN A 53 -13.58 -11.56 -11.37
N ASP A 54 -12.71 -10.84 -12.06
CA ASP A 54 -13.03 -10.12 -13.28
C ASP A 54 -14.22 -9.18 -13.10
N GLN A 55 -14.28 -8.54 -11.92
CA GLN A 55 -15.25 -7.48 -11.72
C GLN A 55 -14.72 -6.11 -12.12
N ILE A 56 -13.39 -5.97 -12.25
CA ILE A 56 -12.72 -4.79 -12.77
C ILE A 56 -11.65 -5.30 -13.69
N HIS A 57 -11.36 -4.57 -14.76
CA HIS A 57 -10.27 -5.07 -15.57
C HIS A 57 -8.95 -4.49 -15.06
N GLN A 58 -7.86 -5.08 -15.56
CA GLN A 58 -6.57 -4.91 -14.93
C GLN A 58 -6.07 -3.47 -15.10
N ALA A 59 -6.32 -2.86 -16.27
CA ALA A 59 -5.83 -1.48 -16.40
C ALA A 59 -6.48 -0.58 -15.35
N GLU A 60 -7.78 -0.77 -15.14
CA GLU A 60 -8.53 -0.03 -14.14
C GLU A 60 -7.97 -0.29 -12.74
N PHE A 61 -7.71 -1.57 -12.43
CA PHE A 61 -7.09 -1.90 -11.14
C PHE A 61 -5.84 -1.07 -10.91
N HIS A 62 -4.91 -1.09 -11.86
CA HIS A 62 -3.62 -0.40 -11.65
C HIS A 62 -3.82 1.10 -11.55
N HIS A 63 -4.73 1.63 -12.35
CA HIS A 63 -4.98 3.06 -12.26
C HIS A 63 -5.57 3.44 -10.92
N GLN A 64 -6.50 2.64 -10.40
CA GLN A 64 -7.06 2.98 -9.10
C GLN A 64 -6.03 2.76 -8.00
N GLN A 65 -5.20 1.72 -8.12
CA GLN A 65 -4.22 1.49 -7.07
C GLN A 65 -3.20 2.61 -7.00
N ILE A 66 -2.88 3.27 -8.11
CA ILE A 66 -1.98 4.43 -8.00
C ILE A 66 -2.59 5.52 -7.13
N LYS A 67 -3.89 5.79 -7.31
CA LYS A 67 -4.54 6.83 -6.49
C LYS A 67 -4.54 6.45 -5.02
N GLU A 68 -4.78 5.18 -4.71
CA GLU A 68 -4.72 4.75 -3.31
C GLU A 68 -3.34 4.98 -2.74
N HIS A 69 -2.29 4.60 -3.48
CA HIS A 69 -0.95 4.77 -2.91
C HIS A 69 -0.61 6.24 -2.78
N GLU A 70 -1.15 7.09 -3.66
CA GLU A 70 -0.95 8.52 -3.52
C GLU A 70 -1.64 9.04 -2.27
N GLU A 71 -2.83 8.52 -1.96
CA GLU A 71 -3.50 9.00 -0.75
C GLU A 71 -2.78 8.48 0.46
N ALA A 72 -2.26 7.24 0.38
CA ALA A 72 -1.50 6.70 1.51
C ALA A 72 -0.29 7.57 1.82
N ILE A 73 0.39 8.05 0.77
CA ILE A 73 1.56 8.90 1.00
C ILE A 73 1.14 10.17 1.74
N GLN A 74 0.03 10.78 1.33
CA GLN A 74 -0.40 12.00 2.02
C GLN A 74 -0.77 11.72 3.48
N ARG A 75 -1.43 10.60 3.72
CA ARG A 75 -1.73 10.22 5.09
C ARG A 75 -0.46 10.08 5.91
N HIS A 76 0.56 9.38 5.39
CA HIS A 76 1.80 9.21 6.16
C HIS A 76 2.50 10.53 6.38
N LYS A 77 2.44 11.43 5.42
CA LYS A 77 3.03 12.75 5.64
C LYS A 77 2.32 13.46 6.75
N LYS A 78 0.99 13.33 6.79
CA LYS A 78 0.21 13.99 7.85
C LYS A 78 0.61 13.47 9.22
N PHE A 79 0.68 12.14 9.38
CA PHE A 79 1.10 11.56 10.65
C PHE A 79 2.48 12.05 11.03
N LEU A 80 3.40 12.04 10.07
CA LEU A 80 4.77 12.47 10.31
C LEU A 80 4.84 13.92 10.76
N GLU A 81 4.13 14.82 10.08
CA GLU A 81 4.23 16.22 10.47
C GLU A 81 3.69 16.44 11.87
N ASN A 82 2.72 15.65 12.29
CA ASN A 82 2.23 15.78 13.65
C ASN A 82 3.24 15.17 14.63
N LEU A 83 3.87 14.04 14.26
CA LEU A 83 4.85 13.46 15.16
C LEU A 83 6.05 14.39 15.35
N THR A 84 6.56 14.95 14.26
CA THR A 84 7.77 15.76 14.27
C THR A 84 7.35 17.24 14.36
N LYS A 85 7.60 17.85 15.51
CA LYS A 85 7.20 19.24 15.76
C LYS A 85 5.70 19.44 15.53
N GLY B 25 0.44 -18.01 -15.85
CA GLY B 25 -0.16 -17.07 -16.77
C GLY B 25 0.85 -16.43 -17.72
N GLY B 26 0.87 -15.09 -17.74
CA GLY B 26 1.80 -14.36 -18.57
C GLY B 26 2.42 -13.20 -17.81
N ALA B 27 3.50 -12.66 -18.37
CA ALA B 27 4.16 -11.50 -17.78
C ALA B 27 3.21 -10.31 -17.75
N PHE B 28 3.23 -9.60 -16.63
CA PHE B 28 2.43 -8.39 -16.40
C PHE B 28 0.94 -8.66 -16.41
N GLY B 29 0.53 -9.94 -16.39
CA GLY B 29 -0.86 -10.31 -16.36
C GLY B 29 -1.45 -10.40 -14.96
N LYS B 30 -2.68 -10.95 -14.91
CA LYS B 30 -3.47 -10.88 -13.69
C LYS B 30 -2.81 -11.67 -12.57
N LEU B 31 -2.27 -12.85 -12.86
CA LEU B 31 -1.66 -13.65 -11.82
C LEU B 31 -0.41 -12.98 -11.26
N GLU B 32 0.40 -12.39 -12.15
CA GLU B 32 1.60 -11.69 -11.67
C GLU B 32 1.22 -10.46 -10.88
N ALA B 33 0.19 -9.74 -11.33
CA ALA B 33 -0.28 -8.59 -10.55
C ALA B 33 -0.69 -9.00 -9.14
N ALA B 34 -1.46 -10.10 -9.02
CA ALA B 34 -1.85 -10.60 -7.71
C ALA B 34 -0.63 -10.94 -6.86
N ARG B 35 0.37 -11.59 -7.46
CA ARG B 35 1.58 -11.95 -6.73
C ARG B 35 2.32 -10.73 -6.23
N GLU B 36 2.41 -9.67 -7.05
CA GLU B 36 3.04 -8.43 -6.58
C GLU B 36 2.28 -7.84 -5.40
N GLU B 37 0.94 -7.81 -5.46
CA GLU B 37 0.18 -7.27 -4.33
C GLU B 37 0.43 -8.13 -3.09
N GLU B 38 0.42 -9.44 -3.24
CA GLU B 38 0.60 -10.28 -2.06
C GLU B 38 1.97 -10.03 -1.44
N TYR B 39 3.00 -9.89 -2.27
CA TYR B 39 4.32 -9.62 -1.72
C TYR B 39 4.36 -8.28 -1.00
N PHE B 40 3.92 -7.22 -1.68
CA PHE B 40 3.82 -5.90 -1.02
C PHE B 40 3.09 -5.95 0.31
N TYR B 41 1.92 -6.57 0.37
CA TYR B 41 1.20 -6.51 1.62
C TYR B 41 1.79 -7.39 2.68
N ARG B 42 2.44 -8.48 2.32
CA ARG B 42 3.14 -9.24 3.38
C ARG B 42 4.29 -8.43 3.98
N LYS B 43 5.03 -7.70 3.15
CA LYS B 43 6.12 -6.88 3.67
C LYS B 43 5.56 -5.81 4.61
N GLN B 44 4.48 -5.16 4.20
CA GLN B 44 3.97 -4.08 5.03
C GLN B 44 3.39 -4.60 6.35
N LYS B 45 2.80 -5.78 6.37
CA LYS B 45 2.34 -6.33 7.65
C LYS B 45 3.51 -6.62 8.57
N GLU B 46 4.64 -7.06 8.01
CA GLU B 46 5.87 -7.26 8.81
C GLU B 46 6.36 -5.95 9.40
N GLN B 47 6.31 -4.88 8.61
CA GLN B 47 6.74 -3.58 9.14
C GLN B 47 5.78 -3.07 10.20
N LEU B 48 4.49 -3.22 9.97
CA LEU B 48 3.52 -2.87 11.02
C LEU B 48 3.80 -3.63 12.32
N GLU B 49 4.15 -4.92 12.21
CA GLU B 49 4.50 -5.67 13.41
C GLU B 49 5.77 -5.12 14.07
N ARG B 50 6.74 -4.67 13.27
CA ARG B 50 7.93 -4.10 13.89
C ARG B 50 7.56 -2.88 14.70
N LEU B 51 6.57 -2.13 14.22
CA LEU B 51 6.15 -0.94 14.95
C LEU B 51 5.41 -1.32 16.22
N LYS B 52 4.48 -2.27 16.11
CA LYS B 52 3.74 -2.71 17.28
C LYS B 52 4.66 -3.22 18.37
N ASN B 53 5.80 -3.80 18.00
CA ASN B 53 6.74 -4.35 18.97
C ASN B 53 7.91 -3.41 19.25
N ASP B 54 7.74 -2.13 18.98
CA ASP B 54 8.72 -1.06 19.21
C ASP B 54 10.13 -1.49 18.81
N GLN B 55 10.23 -2.07 17.61
CA GLN B 55 11.53 -2.31 17.01
C GLN B 55 11.96 -1.20 16.06
N ILE B 56 11.02 -0.33 15.64
CA ILE B 56 11.28 0.89 14.89
C ILE B 56 10.37 1.91 15.54
N HIS B 57 10.80 3.16 15.57
CA HIS B 57 9.88 4.14 16.11
C HIS B 57 8.95 4.65 14.99
N GLN B 58 7.99 5.46 15.40
CA GLN B 58 6.86 5.70 14.53
C GLN B 58 7.26 6.66 13.40
N ALA B 59 8.11 7.65 13.69
CA ALA B 59 8.52 8.56 12.62
C ALA B 59 9.21 7.78 11.50
N GLU B 60 10.12 6.88 11.88
CA GLU B 60 10.79 6.01 10.93
C GLU B 60 9.79 5.17 10.14
N PHE B 61 8.83 4.55 10.83
CA PHE B 61 7.81 3.78 10.13
C PHE B 61 7.17 4.61 9.01
N HIS B 62 6.71 5.82 9.32
CA HIS B 62 5.98 6.61 8.32
C HIS B 62 6.92 7.04 7.20
N HIS B 63 8.14 7.38 7.54
CA HIS B 63 9.12 7.74 6.52
C HIS B 63 9.39 6.56 5.58
N GLN B 64 9.58 5.37 6.13
CA GLN B 64 9.81 4.20 5.27
C GLN B 64 8.57 3.88 4.46
N GLN B 65 7.39 4.01 5.06
CA GLN B 65 6.18 3.67 4.32
C GLN B 65 5.97 4.59 3.14
N ILE B 66 6.34 5.86 3.23
CA ILE B 66 6.24 6.74 2.04
C ILE B 66 7.07 6.17 0.88
N LYS B 67 8.29 5.74 1.14
CA LYS B 67 9.13 5.19 0.09
C LYS B 67 8.49 3.95 -0.51
N GLU B 68 7.92 3.09 0.33
CA GLU B 68 7.26 1.89 -0.20
C GLU B 68 6.11 2.27 -1.11
N HIS B 69 5.29 3.21 -0.67
CA HIS B 69 4.15 3.58 -1.54
C HIS B 69 4.64 4.26 -2.79
N GLU B 70 5.77 4.95 -2.73
CA GLU B 70 6.32 5.53 -3.95
C GLU B 70 6.76 4.45 -4.91
N GLU B 71 7.35 3.37 -4.37
CA GLU B 71 7.80 2.29 -5.23
C GLU B 71 6.59 1.56 -5.79
N ALA B 72 5.54 1.41 -4.97
CA ALA B 72 4.34 0.75 -5.51
C ALA B 72 3.76 1.54 -6.68
N ILE B 73 3.77 2.87 -6.59
CA ILE B 73 3.24 3.67 -7.70
C ILE B 73 4.06 3.41 -8.96
N GLN B 74 5.38 3.35 -8.84
CA GLN B 74 6.19 3.07 -10.04
C GLN B 74 5.90 1.69 -10.60
N ARG B 75 5.76 0.70 -9.73
CA ARG B 75 5.39 -0.63 -10.18
C ARG B 75 4.06 -0.62 -10.93
N HIS B 76 3.05 0.02 -10.35
CA HIS B 76 1.75 0.05 -11.04
C HIS B 76 1.83 0.78 -12.36
N LYS B 77 2.66 1.82 -12.44
CA LYS B 77 2.82 2.48 -13.72
C LYS B 77 3.46 1.52 -14.72
N LYS B 78 4.46 0.75 -14.28
CA LYS B 78 5.09 -0.16 -15.22
C LYS B 78 4.11 -1.20 -15.75
N PHE B 79 3.27 -1.78 -14.87
CA PHE B 79 2.26 -2.74 -15.34
C PHE B 79 1.33 -2.09 -16.35
N LEU B 80 0.82 -0.91 -16.03
CA LEU B 80 -0.06 -0.18 -16.93
C LEU B 80 0.58 0.03 -18.29
N GLU B 81 1.84 0.47 -18.33
CA GLU B 81 2.48 0.73 -19.60
C GLU B 81 2.49 -0.52 -20.46
N ASN B 82 2.68 -1.68 -19.87
CA ASN B 82 2.74 -2.89 -20.67
C ASN B 82 1.34 -3.32 -21.09
N LEU B 83 0.35 -3.19 -20.19
CA LEU B 83 -1.02 -3.48 -20.59
C LEU B 83 -1.49 -2.60 -21.76
N THR B 84 -1.23 -1.29 -21.68
CA THR B 84 -1.81 -0.34 -22.63
C THR B 84 -0.78 0.02 -23.69
N LYS B 85 -1.07 -0.33 -24.94
CA LYS B 85 -0.17 -0.10 -26.09
C LYS B 85 1.24 -0.62 -25.82
#